data_6F4G
#
_entry.id   6F4G
#
_cell.length_a   65.045
_cell.length_b   103.914
_cell.length_c   116.350
_cell.angle_alpha   90.00
_cell.angle_beta   90.00
_cell.angle_gamma   90.00
#
_symmetry.space_group_name_H-M   'P 21 21 21'
#
loop_
_entity.id
_entity.type
_entity.pdbx_description
1 polymer "Probable U2 small nuclear ribonucleoprotein A'"
2 polymer 'U1 small nuclear ribonucleoprotein A'
3 polymer U2-SL4
4 non-polymer 'CHLORIDE ION'
5 non-polymer 'SULFATE ION'
6 water water
#
loop_
_entity_poly.entity_id
_entity_poly.type
_entity_poly.pdbx_seq_one_letter_code
_entity_poly.pdbx_strand_id
1 'polypeptide(L)'
;MVKLTPELINQSMQYINPVRERELDLRGYKIPQIENLGATLDQFDTIDLSDNDLRKLDNLPHLPRLKTLLLNNNRILRIS
EGLEEAVPNLGSIILTGNNLQELSDLEPLVGFTKLETISLLINPVSTKPNYREYMAYKFPQLRLLDFRKIKQKDRQAAQE
FFRTKQGKDVLKEISR
;
A,D
2 'polypeptide(L)'
;GAMEMLPNQTIYINNLNEKIKKEELKKSLYAIFSQFGQILDIVALKTLKMRGQAFVIFKEIGSASNALRTMQGFPFYDKP
MQIAYSKSDSDIVAKIKG
;
B,E
3 'polyribonucleotide' GCGGCCGUAUUGCAGUACCGCGGCC C,F
#
loop_
_chem_comp.id
_chem_comp.type
_chem_comp.name
_chem_comp.formula
A RNA linking ADENOSINE-5'-MONOPHOSPHATE 'C10 H14 N5 O7 P'
C RNA linking CYTIDINE-5'-MONOPHOSPHATE 'C9 H14 N3 O8 P'
CL non-polymer 'CHLORIDE ION' 'Cl -1'
G RNA linking GUANOSINE-5'-MONOPHOSPHATE 'C10 H14 N5 O8 P'
SO4 non-polymer 'SULFATE ION' 'O4 S -2'
U RNA linking URIDINE-5'-MONOPHOSPHATE 'C9 H13 N2 O9 P'
#
# COMPACT_ATOMS: atom_id res chain seq x y z
N MET A 1 -31.18 -0.16 31.80
CA MET A 1 -30.88 -0.95 30.62
C MET A 1 -29.50 -1.58 30.79
N VAL A 2 -29.30 -2.72 30.11
CA VAL A 2 -28.07 -3.51 30.19
C VAL A 2 -26.74 -2.74 30.24
N LYS A 3 -25.69 -3.36 30.75
CA LYS A 3 -24.35 -2.90 30.47
C LYS A 3 -23.57 -4.05 29.84
N LEU A 4 -22.68 -3.71 28.91
CA LEU A 4 -21.76 -4.71 28.39
C LEU A 4 -20.69 -4.93 29.46
N THR A 5 -20.75 -6.06 30.15
CA THR A 5 -19.84 -6.31 31.26
C THR A 5 -18.87 -7.51 31.00
N PRO A 6 -17.78 -7.60 31.78
CA PRO A 6 -16.93 -8.78 31.64
C PRO A 6 -17.70 -10.09 31.87
N GLU A 7 -18.66 -10.12 32.79
CA GLU A 7 -19.41 -11.36 33.03
C GLU A 7 -20.27 -11.69 31.81
N LEU A 8 -20.86 -10.67 31.20
CA LEU A 8 -21.73 -10.89 30.02
C LEU A 8 -20.87 -11.51 28.94
N ILE A 9 -19.67 -10.98 28.77
CA ILE A 9 -18.72 -11.56 27.83
C ILE A 9 -18.40 -13.02 28.20
N ASN A 10 -18.05 -13.27 29.48
CA ASN A 10 -17.62 -14.61 29.87
C ASN A 10 -18.73 -15.64 29.73
N GLN A 11 -19.98 -15.19 29.87
CA GLN A 11 -21.11 -16.11 29.81
C GLN A 11 -21.72 -16.26 28.43
N SER A 12 -21.26 -15.46 27.48
CA SER A 12 -21.77 -15.59 26.10
C SER A 12 -21.08 -16.69 25.30
N MET A 13 -21.75 -17.16 24.25
CA MET A 13 -21.22 -18.19 23.39
C MET A 13 -19.89 -17.73 22.76
N GLN A 14 -18.89 -18.58 22.79
CA GLN A 14 -17.56 -18.29 22.25
C GLN A 14 -17.13 -19.50 21.42
N TYR A 15 -17.22 -19.41 20.09
CA TYR A 15 -17.28 -20.65 19.29
C TYR A 15 -16.67 -20.50 17.90
N ILE A 16 -16.38 -21.62 17.24
CA ILE A 16 -15.95 -21.58 15.83
C ILE A 16 -17.19 -21.39 14.94
N ASN A 17 -17.27 -20.27 14.22
CA ASN A 17 -18.49 -19.97 13.48
C ASN A 17 -18.55 -20.69 12.10
N PRO A 18 -19.62 -20.46 11.29
CA PRO A 18 -19.73 -21.19 10.03
C PRO A 18 -18.64 -20.89 8.99
N VAL A 19 -17.85 -19.85 9.18
CA VAL A 19 -16.76 -19.62 8.25
C VAL A 19 -15.42 -19.82 8.95
N ARG A 20 -15.45 -20.68 9.98
CA ARG A 20 -14.24 -21.28 10.58
C ARG A 20 -13.42 -20.30 11.40
N GLU A 21 -14.05 -19.22 11.85
CA GLU A 21 -13.38 -18.21 12.64
C GLU A 21 -13.90 -18.13 14.06
N ARG A 22 -13.09 -17.60 14.96
N ARG A 22 -13.10 -17.57 14.95
CA ARG A 22 -13.49 -17.49 16.36
CA ARG A 22 -13.45 -17.51 16.39
C ARG A 22 -14.45 -16.32 16.52
C ARG A 22 -14.36 -16.29 16.72
N GLU A 23 -15.58 -16.57 17.17
CA GLU A 23 -16.62 -15.55 17.27
C GLU A 23 -17.13 -15.46 18.68
N LEU A 24 -17.33 -14.22 19.11
CA LEU A 24 -18.04 -13.91 20.36
C LEU A 24 -19.45 -13.43 20.03
N ASP A 25 -20.44 -14.09 20.61
CA ASP A 25 -21.84 -13.78 20.36
C ASP A 25 -22.38 -12.79 21.38
N LEU A 26 -22.53 -11.53 20.98
CA LEU A 26 -23.13 -10.55 21.88
C LEU A 26 -24.47 -10.02 21.37
N ARG A 27 -25.17 -10.84 20.60
CA ARG A 27 -26.42 -10.44 19.97
C ARG A 27 -27.57 -10.34 20.95
N GLY A 28 -28.36 -9.28 20.84
CA GLY A 28 -29.71 -9.29 21.39
C GLY A 28 -29.80 -8.96 22.87
N TYR A 29 -28.79 -8.27 23.40
CA TYR A 29 -28.78 -7.88 24.82
C TYR A 29 -29.25 -6.43 25.11
N LYS A 30 -29.65 -5.71 24.06
CA LYS A 30 -30.03 -4.30 24.19
C LYS A 30 -28.86 -3.49 24.83
N ILE A 31 -27.65 -3.80 24.45
CA ILE A 31 -26.51 -3.02 24.89
C ILE A 31 -26.56 -1.60 24.33
N PRO A 32 -26.47 -0.58 25.23
CA PRO A 32 -26.52 0.84 24.78
C PRO A 32 -25.20 1.47 24.35
N GLN A 33 -24.07 0.87 24.75
CA GLN A 33 -22.77 1.48 24.58
C GLN A 33 -21.72 0.40 24.57
N ILE A 34 -20.70 0.52 23.72
CA ILE A 34 -19.59 -0.42 23.80
C ILE A 34 -18.68 -0.09 24.98
N GLU A 35 -18.34 -1.14 25.76
CA GLU A 35 -17.38 -1.00 26.86
C GLU A 35 -16.94 -2.39 27.27
N ASN A 36 -15.82 -2.44 27.99
CA ASN A 36 -15.29 -3.68 28.59
C ASN A 36 -14.89 -4.75 27.54
N LEU A 37 -14.74 -4.39 26.26
CA LEU A 37 -14.30 -5.38 25.28
C LEU A 37 -12.83 -5.82 25.48
N GLY A 38 -12.07 -5.03 26.25
CA GLY A 38 -10.71 -5.40 26.64
C GLY A 38 -10.71 -6.75 27.33
N ALA A 39 -11.78 -7.07 28.05
CA ALA A 39 -11.91 -8.38 28.71
C ALA A 39 -11.98 -9.60 27.76
N THR A 40 -12.09 -9.36 26.45
CA THR A 40 -12.04 -10.44 25.47
C THR A 40 -10.65 -10.99 25.26
N LEU A 41 -9.63 -10.26 25.76
CA LEU A 41 -8.23 -10.68 25.66
C LEU A 41 -7.83 -10.95 24.18
N ASP A 42 -8.44 -10.20 23.25
CA ASP A 42 -8.10 -10.29 21.83
C ASP A 42 -8.21 -11.71 21.29
N GLN A 43 -9.16 -12.48 21.81
CA GLN A 43 -9.34 -13.86 21.40
C GLN A 43 -10.13 -14.01 20.08
N PHE A 44 -10.87 -12.98 19.66
CA PHE A 44 -11.85 -13.26 18.60
C PHE A 44 -11.48 -12.63 17.29
N ASP A 45 -11.70 -13.42 16.23
CA ASP A 45 -11.71 -12.93 14.85
C ASP A 45 -12.93 -12.08 14.58
N THR A 46 -14.03 -12.44 15.22
CA THR A 46 -15.30 -11.82 14.89
C THR A 46 -16.09 -11.54 16.16
N ILE A 47 -16.70 -10.36 16.24
CA ILE A 47 -17.62 -10.03 17.34
C ILE A 47 -19.00 -9.67 16.80
N ASP A 48 -20.03 -10.34 17.33
CA ASP A 48 -21.39 -10.17 16.83
C ASP A 48 -22.15 -9.28 17.81
N LEU A 49 -22.28 -8.00 17.46
CA LEU A 49 -23.05 -7.09 18.29
C LEU A 49 -24.38 -6.75 17.61
N SER A 50 -24.89 -7.66 16.81
CA SER A 50 -26.22 -7.49 16.15
C SER A 50 -27.33 -7.32 17.20
N ASP A 51 -28.38 -6.60 16.82
CA ASP A 51 -29.60 -6.51 17.59
C ASP A 51 -29.34 -5.92 19.00
N ASN A 52 -28.56 -4.85 19.06
CA ASN A 52 -28.44 -4.10 20.33
C ASN A 52 -28.93 -2.66 20.14
N ASP A 53 -28.57 -1.74 21.04
CA ASP A 53 -29.10 -0.39 20.87
CA ASP A 53 -29.10 -0.37 21.00
C ASP A 53 -27.99 0.67 20.84
N LEU A 54 -26.88 0.30 20.21
CA LEU A 54 -25.76 1.22 20.02
C LEU A 54 -26.19 2.40 19.16
N ARG A 55 -25.78 3.60 19.60
CA ARG A 55 -26.01 4.82 18.87
C ARG A 55 -24.71 5.34 18.26
N LYS A 56 -23.59 4.77 18.68
CA LYS A 56 -22.30 5.13 18.08
C LYS A 56 -21.34 3.95 18.07
N LEU A 57 -20.42 3.95 17.12
CA LEU A 57 -19.37 2.95 17.12
C LEU A 57 -18.14 3.62 17.70
N ASP A 58 -17.79 3.28 18.95
CA ASP A 58 -16.64 3.93 19.59
C ASP A 58 -16.09 3.04 20.72
N ASN A 59 -15.10 3.55 21.46
CA ASN A 59 -14.66 2.91 22.72
C ASN A 59 -14.11 1.49 22.54
N LEU A 60 -13.37 1.27 21.46
CA LEU A 60 -12.73 -0.04 21.21
C LEU A 60 -11.34 -0.12 21.85
N PRO A 61 -11.04 -1.21 22.58
CA PRO A 61 -9.67 -1.43 23.04
C PRO A 61 -8.83 -1.96 21.89
N HIS A 62 -7.53 -2.17 22.11
CA HIS A 62 -6.68 -2.72 21.06
CA HIS A 62 -6.64 -2.72 21.07
C HIS A 62 -6.95 -4.21 20.81
N LEU A 63 -7.43 -4.52 19.61
CA LEU A 63 -7.84 -5.88 19.25
C LEU A 63 -7.31 -6.27 17.88
N PRO A 64 -6.03 -6.60 17.79
CA PRO A 64 -5.41 -6.81 16.48
C PRO A 64 -5.96 -8.05 15.78
N ARG A 65 -6.54 -8.97 16.55
CA ARG A 65 -7.10 -10.16 15.93
C ARG A 65 -8.46 -9.87 15.23
N LEU A 66 -9.17 -8.81 15.63
CA LEU A 66 -10.52 -8.58 15.15
C LEU A 66 -10.54 -8.23 13.65
N LYS A 67 -11.23 -9.06 12.85
CA LYS A 67 -11.27 -8.89 11.38
C LYS A 67 -12.69 -8.69 10.85
N THR A 68 -13.72 -9.11 11.60
CA THR A 68 -15.09 -8.85 11.17
C THR A 68 -15.90 -8.29 12.34
N LEU A 69 -16.61 -7.20 12.09
CA LEU A 69 -17.54 -6.62 13.08
C LEU A 69 -18.99 -6.71 12.55
N LEU A 70 -19.87 -7.44 13.25
CA LEU A 70 -21.29 -7.54 12.87
C LEU A 70 -22.05 -6.62 13.79
N LEU A 71 -22.66 -5.60 13.19
CA LEU A 71 -23.33 -4.53 13.87
C LEU A 71 -24.75 -4.37 13.36
N ASN A 72 -25.34 -5.45 12.84
CA ASN A 72 -26.74 -5.39 12.32
C ASN A 72 -27.74 -4.83 13.30
N ASN A 73 -28.64 -3.98 12.79
CA ASN A 73 -29.84 -3.60 13.56
C ASN A 73 -29.50 -2.99 14.92
N ASN A 74 -28.62 -2.00 14.86
CA ASN A 74 -28.46 -1.11 16.01
C ASN A 74 -29.08 0.25 15.61
N ARG A 75 -28.58 1.32 16.20
CA ARG A 75 -29.11 2.67 15.88
C ARG A 75 -27.94 3.63 15.69
N ILE A 76 -26.88 3.11 15.12
CA ILE A 76 -25.63 3.85 15.00
C ILE A 76 -25.78 5.02 14.04
N LEU A 77 -25.41 6.22 14.49
CA LEU A 77 -25.46 7.40 13.62
C LEU A 77 -24.11 8.12 13.55
N ARG A 78 -23.14 7.65 14.32
N ARG A 78 -23.12 7.63 14.29
CA ARG A 78 -21.78 8.19 14.24
CA ARG A 78 -21.78 8.22 14.29
C ARG A 78 -20.75 7.11 14.50
C ARG A 78 -20.72 7.15 14.56
N ILE A 79 -19.58 7.30 13.91
CA ILE A 79 -18.43 6.40 14.09
C ILE A 79 -17.31 7.25 14.60
N SER A 80 -16.65 6.83 15.67
CA SER A 80 -15.57 7.65 16.21
C SER A 80 -14.38 7.63 15.25
N GLU A 81 -13.65 8.74 15.16
CA GLU A 81 -12.46 8.79 14.32
C GLU A 81 -11.33 7.94 14.91
N GLY A 82 -10.46 7.42 14.06
CA GLY A 82 -9.21 6.84 14.51
C GLY A 82 -9.28 5.41 15.06
N LEU A 83 -10.37 4.70 14.73
CA LEU A 83 -10.58 3.34 15.24
C LEU A 83 -9.60 2.34 14.64
N GLU A 84 -8.95 2.71 13.53
CA GLU A 84 -7.93 1.84 12.95
C GLU A 84 -6.74 1.66 13.88
N GLU A 85 -6.57 2.55 14.88
CA GLU A 85 -5.54 2.35 15.87
CA GLU A 85 -5.51 2.33 15.87
C GLU A 85 -5.88 1.17 16.80
N ALA A 86 -7.16 1.04 17.14
CA ALA A 86 -7.65 -0.03 17.97
C ALA A 86 -7.82 -1.34 17.16
N VAL A 87 -8.38 -1.23 15.96
CA VAL A 87 -8.69 -2.48 15.22
C VAL A 87 -8.15 -2.41 13.77
N PRO A 88 -6.80 -2.37 13.63
CA PRO A 88 -6.11 -2.10 12.37
C PRO A 88 -6.39 -3.13 11.29
N ASN A 89 -6.73 -4.35 11.69
CA ASN A 89 -6.88 -5.43 10.72
C ASN A 89 -8.31 -5.70 10.33
N LEU A 90 -9.20 -4.79 10.71
CA LEU A 90 -10.60 -4.91 10.37
C LEU A 90 -10.77 -5.05 8.86
N GLY A 91 -11.37 -6.18 8.43
CA GLY A 91 -11.51 -6.51 7.00
C GLY A 91 -12.96 -6.38 6.49
N SER A 92 -13.91 -6.48 7.40
N SER A 92 -13.92 -6.60 7.39
CA SER A 92 -15.30 -6.36 7.03
CA SER A 92 -15.35 -6.48 7.10
C SER A 92 -16.08 -5.72 8.17
C SER A 92 -16.06 -5.68 8.19
N ILE A 93 -16.94 -4.74 7.81
CA ILE A 93 -17.76 -4.10 8.78
C ILE A 93 -19.20 -4.11 8.25
N ILE A 94 -20.08 -4.75 9.04
CA ILE A 94 -21.43 -5.02 8.58
C ILE A 94 -22.43 -4.17 9.40
N LEU A 95 -22.81 -3.03 8.81
CA LEU A 95 -23.61 -1.99 9.47
C LEU A 95 -25.03 -2.00 8.99
N THR A 96 -25.42 -3.06 8.29
CA THR A 96 -26.82 -3.22 7.91
C THR A 96 -27.80 -2.82 9.01
N GLY A 97 -28.77 -1.97 8.67
CA GLY A 97 -29.87 -1.67 9.59
C GLY A 97 -29.38 -0.70 10.65
N ASN A 98 -28.79 0.41 10.24
CA ASN A 98 -28.45 1.47 11.20
C ASN A 98 -28.84 2.83 10.68
N ASN A 99 -28.35 3.86 11.35
CA ASN A 99 -28.87 5.19 11.12
C ASN A 99 -27.77 6.19 10.64
N LEU A 100 -26.84 5.72 9.81
CA LEU A 100 -25.81 6.59 9.31
C LEU A 100 -26.41 7.36 8.12
N GLN A 101 -26.36 8.68 8.23
CA GLN A 101 -27.17 9.56 7.37
C GLN A 101 -26.47 10.14 6.16
N GLU A 102 -25.23 10.60 6.34
CA GLU A 102 -24.53 11.44 5.33
C GLU A 102 -23.22 10.82 4.86
N LEU A 103 -22.80 11.14 3.64
CA LEU A 103 -21.55 10.54 3.15
C LEU A 103 -20.36 11.01 4.03
N SER A 104 -20.39 12.26 4.50
CA SER A 104 -19.33 12.69 5.43
C SER A 104 -19.29 11.83 6.73
N ASP A 105 -20.40 11.18 7.09
CA ASP A 105 -20.39 10.35 8.29
C ASP A 105 -19.52 9.09 8.15
N LEU A 106 -19.09 8.81 6.91
CA LEU A 106 -18.30 7.61 6.64
C LEU A 106 -16.81 7.93 6.64
N GLU A 107 -16.49 9.22 6.71
N GLU A 107 -16.46 9.20 6.72
CA GLU A 107 -15.11 9.67 6.83
CA GLU A 107 -15.05 9.58 6.77
C GLU A 107 -14.28 8.85 7.82
C GLU A 107 -14.24 8.84 7.84
N PRO A 108 -14.85 8.53 9.02
CA PRO A 108 -14.01 7.79 9.96
C PRO A 108 -13.54 6.41 9.47
N LEU A 109 -14.13 5.85 8.41
CA LEU A 109 -13.72 4.52 7.97
C LEU A 109 -12.50 4.56 7.03
N VAL A 110 -12.08 5.75 6.61
CA VAL A 110 -11.08 5.86 5.55
C VAL A 110 -9.68 5.32 5.91
N GLY A 111 -9.27 5.47 7.17
CA GLY A 111 -7.95 5.05 7.58
C GLY A 111 -7.73 3.56 7.83
N PHE A 112 -8.78 2.74 7.74
CA PHE A 112 -8.61 1.29 7.78
C PHE A 112 -7.93 0.81 6.49
N THR A 113 -6.73 0.27 6.62
CA THR A 113 -5.99 -0.10 5.45
C THR A 113 -6.41 -1.45 4.80
N LYS A 114 -7.25 -2.24 5.48
CA LYS A 114 -7.53 -3.62 5.06
C LYS A 114 -9.02 -3.85 4.94
N LEU A 115 -9.78 -2.76 5.03
CA LEU A 115 -11.25 -2.85 5.04
C LEU A 115 -11.74 -3.14 3.63
N GLU A 116 -12.08 -4.39 3.33
CA GLU A 116 -12.37 -4.73 1.92
C GLU A 116 -13.86 -4.96 1.73
N THR A 117 -14.62 -5.06 2.82
CA THR A 117 -16.04 -5.31 2.74
C THR A 117 -16.85 -4.42 3.64
N ILE A 118 -17.84 -3.73 3.07
CA ILE A 118 -18.73 -2.84 3.85
C ILE A 118 -20.18 -3.16 3.52
N SER A 119 -21.05 -3.22 4.51
CA SER A 119 -22.47 -3.17 4.25
C SER A 119 -23.09 -1.96 4.95
N LEU A 120 -23.71 -1.08 4.14
CA LEU A 120 -24.51 0.01 4.64
C LEU A 120 -25.97 -0.15 4.15
N LEU A 121 -26.37 -1.38 3.86
CA LEU A 121 -27.78 -1.65 3.53
C LEU A 121 -28.68 -1.16 4.66
N ILE A 122 -29.90 -0.70 4.32
CA ILE A 122 -30.85 -0.26 5.37
C ILE A 122 -30.17 0.75 6.31
N ASN A 123 -29.46 1.69 5.66
CA ASN A 123 -29.02 2.96 6.29
C ASN A 123 -29.45 4.10 5.38
N PRO A 124 -29.82 5.26 5.95
CA PRO A 124 -30.19 6.40 5.08
C PRO A 124 -29.10 6.77 4.06
N VAL A 125 -27.83 6.68 4.46
CA VAL A 125 -26.74 7.13 3.59
C VAL A 125 -26.67 6.31 2.29
N SER A 126 -27.17 5.07 2.31
CA SER A 126 -27.08 4.23 1.09
C SER A 126 -28.01 4.71 -0.03
N THR A 127 -28.91 5.70 0.20
CA THR A 127 -29.67 6.26 -0.95
C THR A 127 -29.37 7.72 -1.19
N LYS A 128 -28.25 8.19 -0.67
CA LYS A 128 -27.83 9.57 -0.97
C LYS A 128 -27.34 9.60 -2.43
N PRO A 129 -27.55 10.72 -3.11
CA PRO A 129 -27.00 10.86 -4.47
C PRO A 129 -25.50 10.52 -4.46
N ASN A 130 -25.01 9.87 -5.52
CA ASN A 130 -23.58 9.61 -5.74
C ASN A 130 -23.00 8.62 -4.72
N TYR A 131 -23.86 7.91 -3.99
CA TYR A 131 -23.37 7.01 -2.95
C TYR A 131 -22.35 5.98 -3.48
N ARG A 132 -22.70 5.17 -4.48
CA ARG A 132 -21.77 4.08 -4.85
C ARG A 132 -20.51 4.66 -5.43
N GLU A 133 -20.65 5.72 -6.23
CA GLU A 133 -19.51 6.38 -6.87
C GLU A 133 -18.53 6.91 -5.85
N TYR A 134 -19.10 7.68 -4.93
CA TYR A 134 -18.31 8.25 -3.83
C TYR A 134 -17.51 7.16 -3.09
N MET A 135 -18.18 6.08 -2.68
CA MET A 135 -17.49 5.01 -1.98
C MET A 135 -16.31 4.47 -2.82
N ALA A 136 -16.49 4.29 -4.13
CA ALA A 136 -15.38 3.79 -4.98
C ALA A 136 -14.22 4.77 -4.95
N TYR A 137 -14.58 6.04 -5.01
CA TYR A 137 -13.59 7.11 -5.08
C TYR A 137 -12.88 7.28 -3.75
N LYS A 138 -13.63 7.19 -2.64
CA LYS A 138 -13.05 7.54 -1.33
C LYS A 138 -12.32 6.38 -0.68
N PHE A 139 -12.69 5.17 -1.05
CA PHE A 139 -12.10 3.96 -0.43
C PHE A 139 -11.43 3.10 -1.49
N PRO A 140 -10.21 3.47 -1.91
CA PRO A 140 -9.54 2.71 -2.98
C PRO A 140 -9.45 1.19 -2.78
N GLN A 141 -9.40 0.73 -1.51
CA GLN A 141 -9.17 -0.69 -1.25
C GLN A 141 -10.47 -1.45 -1.02
N LEU A 142 -11.58 -0.73 -0.93
CA LEU A 142 -12.89 -1.36 -0.77
C LEU A 142 -13.21 -2.27 -1.97
N ARG A 143 -13.56 -3.55 -1.74
CA ARG A 143 -13.83 -4.47 -2.86
CA ARG A 143 -13.84 -4.49 -2.84
C ARG A 143 -15.32 -4.88 -3.00
N LEU A 144 -16.01 -4.94 -1.87
CA LEU A 144 -17.39 -5.42 -1.90
C LEU A 144 -18.23 -4.43 -1.12
N LEU A 145 -19.24 -3.84 -1.75
CA LEU A 145 -20.07 -2.82 -1.12
C LEU A 145 -21.50 -3.23 -1.23
N ASP A 146 -22.15 -3.47 -0.07
CA ASP A 146 -23.53 -3.96 -0.07
C ASP A 146 -23.68 -5.20 -0.97
N PHE A 147 -22.63 -6.05 -0.93
CA PHE A 147 -22.61 -7.37 -1.58
C PHE A 147 -22.75 -7.30 -3.11
N ARG A 148 -22.30 -6.16 -3.62
CA ARG A 148 -21.98 -5.97 -5.06
C ARG A 148 -20.52 -5.58 -5.18
N LYS A 149 -19.75 -6.20 -6.05
CA LYS A 149 -18.34 -5.78 -6.19
C LYS A 149 -18.17 -4.37 -6.81
N ILE A 150 -17.18 -3.65 -6.34
CA ILE A 150 -16.73 -2.43 -7.01
C ILE A 150 -15.71 -2.85 -8.04
N LYS A 151 -16.11 -2.85 -9.31
CA LYS A 151 -15.23 -3.26 -10.41
C LYS A 151 -14.24 -2.15 -10.78
N GLN A 152 -13.10 -2.47 -11.37
CA GLN A 152 -12.15 -1.40 -11.70
CA GLN A 152 -12.14 -1.42 -11.74
C GLN A 152 -12.81 -0.37 -12.63
N LYS A 153 -13.66 -0.83 -13.56
CA LYS A 153 -14.35 0.11 -14.44
C LYS A 153 -15.25 1.06 -13.65
N ASP A 154 -15.80 0.59 -12.53
CA ASP A 154 -16.64 1.43 -11.66
C ASP A 154 -15.78 2.50 -11.03
N ARG A 155 -14.59 2.12 -10.56
CA ARG A 155 -13.74 3.07 -9.87
C ARG A 155 -13.17 4.11 -10.88
N GLN A 156 -12.80 3.65 -12.07
CA GLN A 156 -12.38 4.55 -13.13
CA GLN A 156 -12.36 4.58 -13.11
C GLN A 156 -13.45 5.62 -13.40
N ALA A 157 -14.68 5.16 -13.64
CA ALA A 157 -15.79 6.07 -13.91
C ALA A 157 -16.00 7.04 -12.75
N ALA A 158 -15.92 6.57 -11.51
CA ALA A 158 -16.11 7.49 -10.37
C ALA A 158 -15.01 8.57 -10.33
N GLN A 159 -13.77 8.17 -10.50
CA GLN A 159 -12.67 9.12 -10.48
C GLN A 159 -12.80 10.14 -11.61
N GLU A 160 -13.26 9.70 -12.78
CA GLU A 160 -13.49 10.62 -13.90
C GLU A 160 -14.60 11.61 -13.54
N PHE A 161 -15.66 11.11 -12.90
CA PHE A 161 -16.74 11.98 -12.44
C PHE A 161 -16.27 13.06 -11.46
N PHE A 162 -15.50 12.67 -10.45
CA PHE A 162 -15.12 13.65 -9.45
C PHE A 162 -14.04 14.63 -9.91
N ARG A 163 -13.50 14.42 -11.11
CA ARG A 163 -12.65 15.43 -11.76
C ARG A 163 -13.48 16.50 -12.56
N THR A 164 -14.77 16.27 -12.77
CA THR A 164 -15.60 17.27 -13.43
C THR A 164 -16.02 18.35 -12.43
N LYS A 165 -16.49 19.49 -12.94
CA LYS A 165 -17.00 20.57 -12.09
CA LYS A 165 -16.97 20.56 -12.07
C LYS A 165 -18.15 20.05 -11.25
N GLN A 166 -19.05 19.31 -11.89
CA GLN A 166 -20.16 18.69 -11.19
C GLN A 166 -19.70 17.86 -10.00
N GLY A 167 -18.72 16.99 -10.25
CA GLY A 167 -18.20 16.09 -9.21
C GLY A 167 -17.47 16.88 -8.13
N LYS A 168 -16.77 17.93 -8.56
CA LYS A 168 -16.03 18.75 -7.62
C LYS A 168 -17.01 19.44 -6.69
N ASP A 169 -18.13 19.91 -7.24
CA ASP A 169 -19.15 20.55 -6.42
C ASP A 169 -19.73 19.53 -5.44
N VAL A 170 -19.91 18.30 -5.88
CA VAL A 170 -20.43 17.27 -4.97
C VAL A 170 -19.51 17.06 -3.77
N LEU A 171 -18.23 16.90 -4.04
CA LEU A 171 -17.24 16.77 -2.98
C LEU A 171 -17.22 18.00 -2.07
N LYS A 172 -17.33 19.21 -2.66
CA LYS A 172 -17.31 20.43 -1.85
C LYS A 172 -18.42 20.40 -0.80
N GLU A 173 -19.61 19.97 -1.20
CA GLU A 173 -20.77 20.00 -0.33
C GLU A 173 -20.69 18.88 0.72
N ILE A 174 -20.09 17.76 0.35
CA ILE A 174 -19.93 16.66 1.31
C ILE A 174 -19.08 17.17 2.48
N SER A 175 -18.17 18.10 2.19
CA SER A 175 -17.41 18.74 3.25
C SER A 175 -18.05 20.05 3.70
N GLY B 1 -48.75 -27.17 -9.71
CA GLY B 1 -47.47 -26.85 -9.08
C GLY B 1 -47.06 -27.87 -8.03
N ALA B 2 -45.78 -27.83 -7.64
CA ALA B 2 -45.22 -28.69 -6.60
C ALA B 2 -45.76 -28.27 -5.23
N MET B 3 -45.54 -29.12 -4.22
CA MET B 3 -46.05 -28.85 -2.88
C MET B 3 -45.20 -27.82 -2.18
N GLU B 4 -45.87 -26.85 -1.53
CA GLU B 4 -45.19 -25.77 -0.80
C GLU B 4 -44.64 -26.32 0.51
N MET B 5 -43.57 -25.72 1.03
CA MET B 5 -43.03 -26.11 2.33
C MET B 5 -43.56 -25.17 3.43
N LEU B 6 -43.96 -25.75 4.56
CA LEU B 6 -44.23 -24.97 5.75
C LEU B 6 -42.91 -24.35 6.17
N PRO B 7 -42.95 -23.26 6.93
CA PRO B 7 -41.69 -22.59 7.27
C PRO B 7 -40.78 -23.51 8.05
N ASN B 8 -39.51 -23.47 7.71
CA ASN B 8 -38.43 -24.38 8.15
C ASN B 8 -37.29 -23.50 8.72
N GLN B 9 -36.37 -24.02 9.52
CA GLN B 9 -35.31 -23.11 9.94
C GLN B 9 -34.21 -23.01 8.88
N THR B 10 -34.35 -23.79 7.81
CA THR B 10 -33.33 -23.74 6.75
C THR B 10 -33.86 -23.10 5.47
N ILE B 11 -33.13 -22.12 4.93
CA ILE B 11 -33.54 -21.64 3.63
C ILE B 11 -32.58 -22.21 2.59
N TYR B 12 -33.14 -22.47 1.39
CA TYR B 12 -32.36 -22.94 0.21
C TYR B 12 -32.28 -21.77 -0.75
N ILE B 13 -31.08 -21.45 -1.21
CA ILE B 13 -30.85 -20.36 -2.14
C ILE B 13 -30.20 -20.86 -3.41
N ASN B 14 -30.78 -20.49 -4.54
CA ASN B 14 -30.43 -20.90 -5.89
CA ASN B 14 -30.04 -20.89 -5.76
C ASN B 14 -30.04 -19.70 -6.73
N ASN B 15 -29.53 -19.96 -7.94
CA ASN B 15 -29.18 -18.87 -8.85
C ASN B 15 -28.05 -18.01 -8.25
N LEU B 16 -27.16 -18.62 -7.50
CA LEU B 16 -26.02 -17.82 -6.98
C LEU B 16 -24.95 -17.68 -8.07
N ASN B 17 -24.16 -16.60 -8.01
CA ASN B 17 -23.06 -16.38 -8.92
C ASN B 17 -21.96 -17.44 -8.71
N GLU B 18 -21.79 -18.33 -9.69
CA GLU B 18 -20.90 -19.49 -9.55
C GLU B 18 -19.43 -19.14 -9.72
N LYS B 19 -19.15 -17.91 -10.13
CA LYS B 19 -17.73 -17.52 -10.28
C LYS B 19 -17.10 -17.29 -8.92
N ILE B 20 -17.91 -17.06 -7.90
CA ILE B 20 -17.36 -16.68 -6.60
C ILE B 20 -16.75 -17.91 -5.93
N LYS B 21 -15.55 -17.77 -5.40
CA LYS B 21 -14.88 -18.87 -4.72
C LYS B 21 -15.71 -19.27 -3.50
N LYS B 22 -15.67 -20.55 -3.15
CA LYS B 22 -16.57 -21.11 -2.16
C LYS B 22 -16.44 -20.44 -0.77
N GLU B 23 -15.20 -20.20 -0.34
CA GLU B 23 -14.91 -19.56 0.93
C GLU B 23 -15.48 -18.17 0.99
N GLU B 24 -15.28 -17.40 -0.08
CA GLU B 24 -15.81 -16.04 -0.11
CA GLU B 24 -15.80 -16.07 -0.19
C GLU B 24 -17.34 -16.06 -0.21
N LEU B 25 -17.88 -17.03 -0.92
CA LEU B 25 -19.33 -17.17 -1.06
C LEU B 25 -19.95 -17.39 0.33
N LYS B 26 -19.35 -18.30 1.08
CA LYS B 26 -19.89 -18.57 2.43
C LYS B 26 -19.72 -17.38 3.38
N LYS B 27 -18.59 -16.69 3.27
CA LYS B 27 -18.31 -15.49 4.07
C LYS B 27 -19.36 -14.42 3.78
N SER B 28 -19.69 -14.21 2.51
CA SER B 28 -20.60 -13.11 2.21
C SER B 28 -22.04 -13.53 2.52
N LEU B 29 -22.36 -14.80 2.33
CA LEU B 29 -23.69 -15.28 2.73
C LEU B 29 -23.92 -15.12 4.25
N TYR B 30 -22.89 -15.47 5.02
CA TYR B 30 -22.93 -15.28 6.46
C TYR B 30 -23.18 -13.81 6.82
N ALA B 31 -22.41 -12.91 6.19
CA ALA B 31 -22.56 -11.48 6.52
C ALA B 31 -23.98 -11.01 6.15
N ILE B 32 -24.46 -11.33 4.95
CA ILE B 32 -25.73 -10.66 4.56
C ILE B 32 -26.93 -11.24 5.32
N PHE B 33 -26.87 -12.55 5.63
CA PHE B 33 -27.99 -13.16 6.34
C PHE B 33 -27.89 -13.06 7.87
N SER B 34 -26.74 -12.60 8.36
CA SER B 34 -26.57 -12.44 9.83
C SER B 34 -27.57 -11.41 10.43
N GLN B 35 -28.09 -10.52 9.58
CA GLN B 35 -29.07 -9.55 10.08
C GLN B 35 -30.32 -10.26 10.57
N PHE B 36 -30.64 -11.46 10.07
CA PHE B 36 -31.96 -12.02 10.41
C PHE B 36 -31.99 -12.85 11.71
N GLY B 37 -30.83 -13.34 12.15
CA GLY B 37 -30.73 -14.17 13.33
C GLY B 37 -29.41 -14.92 13.42
N GLN B 38 -29.24 -15.63 14.52
CA GLN B 38 -28.13 -16.54 14.68
C GLN B 38 -28.13 -17.58 13.55
N ILE B 39 -27.02 -17.72 12.86
CA ILE B 39 -26.86 -18.74 11.83
C ILE B 39 -26.07 -19.94 12.37
N LEU B 40 -26.66 -21.13 12.29
CA LEU B 40 -26.01 -22.34 12.85
C LEU B 40 -24.95 -22.89 11.90
N ASP B 41 -25.20 -22.76 10.60
CA ASP B 41 -24.23 -23.26 9.64
C ASP B 41 -24.66 -22.84 8.25
N ILE B 42 -23.71 -22.89 7.33
CA ILE B 42 -24.03 -22.74 5.90
C ILE B 42 -23.45 -23.93 5.15
N VAL B 43 -24.25 -24.54 4.27
CA VAL B 43 -23.79 -25.71 3.49
C VAL B 43 -23.75 -25.32 2.01
N ALA B 44 -22.54 -25.22 1.47
CA ALA B 44 -22.36 -24.88 0.06
C ALA B 44 -21.18 -25.64 -0.55
N LEU B 45 -21.45 -26.31 -1.66
CA LEU B 45 -20.43 -27.08 -2.41
C LEU B 45 -20.33 -26.50 -3.79
N LYS B 46 -19.18 -26.70 -4.46
CA LYS B 46 -19.11 -26.32 -5.86
C LYS B 46 -18.92 -27.50 -6.80
N THR B 47 -19.44 -28.67 -6.45
CA THR B 47 -19.60 -29.74 -7.46
C THR B 47 -20.57 -29.30 -8.57
N LEU B 48 -20.60 -30.08 -9.66
CA LEU B 48 -21.51 -29.78 -10.78
C LEU B 48 -22.95 -29.72 -10.27
N LYS B 49 -23.34 -30.73 -9.49
CA LYS B 49 -24.70 -30.81 -8.95
C LYS B 49 -25.09 -29.67 -8.00
N MET B 50 -24.16 -29.24 -7.16
CA MET B 50 -24.54 -28.38 -6.03
C MET B 50 -24.03 -26.95 -6.13
N ARG B 51 -23.21 -26.63 -7.13
CA ARG B 51 -22.75 -25.25 -7.27
C ARG B 51 -23.95 -24.29 -7.58
N GLY B 52 -23.78 -23.02 -7.27
CA GLY B 52 -24.83 -22.02 -7.49
C GLY B 52 -25.91 -22.07 -6.42
N GLN B 53 -25.66 -22.87 -5.38
CA GLN B 53 -26.66 -23.13 -4.33
C GLN B 53 -26.05 -23.11 -2.95
N ALA B 54 -26.89 -22.81 -1.98
CA ALA B 54 -26.47 -22.83 -0.58
C ALA B 54 -27.67 -23.02 0.30
N PHE B 55 -27.45 -23.67 1.45
CA PHE B 55 -28.45 -23.79 2.49
C PHE B 55 -27.99 -22.92 3.66
N VAL B 56 -28.86 -22.07 4.20
CA VAL B 56 -28.48 -21.25 5.35
C VAL B 56 -29.35 -21.68 6.48
N ILE B 57 -28.73 -22.16 7.56
CA ILE B 57 -29.47 -22.79 8.64
C ILE B 57 -29.54 -21.83 9.82
N PHE B 58 -30.74 -21.38 10.14
CA PHE B 58 -30.97 -20.48 11.26
C PHE B 58 -31.35 -21.25 12.48
N LYS B 59 -31.05 -20.68 13.65
CA LYS B 59 -31.49 -21.27 14.89
C LYS B 59 -33.01 -21.13 15.06
N GLU B 60 -33.58 -20.03 14.58
CA GLU B 60 -35.02 -19.77 14.77
C GLU B 60 -35.79 -19.77 13.43
N ILE B 61 -36.97 -20.42 13.42
CA ILE B 61 -37.78 -20.42 12.20
C ILE B 61 -38.19 -19.00 11.76
N GLY B 62 -38.49 -18.16 12.76
CA GLY B 62 -38.84 -16.77 12.50
C GLY B 62 -37.74 -16.03 11.73
N SER B 63 -36.48 -16.34 12.02
CA SER B 63 -35.35 -15.71 11.33
C SER B 63 -35.32 -16.14 9.87
N ALA B 64 -35.52 -17.43 9.61
CA ALA B 64 -35.59 -17.91 8.21
C ALA B 64 -36.74 -17.27 7.41
N SER B 65 -37.92 -17.18 8.03
CA SER B 65 -39.07 -16.58 7.38
C SER B 65 -38.81 -15.14 6.98
N ASN B 66 -38.16 -14.37 7.87
CA ASN B 66 -37.82 -12.97 7.52
C ASN B 66 -36.75 -12.90 6.46
N ALA B 67 -35.78 -13.77 6.57
CA ALA B 67 -34.72 -13.84 5.56
C ALA B 67 -35.29 -14.10 4.17
N LEU B 68 -36.13 -15.12 4.08
CA LEU B 68 -36.77 -15.44 2.81
C LEU B 68 -37.59 -14.26 2.29
N ARG B 69 -38.49 -13.72 3.12
CA ARG B 69 -39.36 -12.65 2.64
C ARG B 69 -38.54 -11.42 2.20
N THR B 70 -37.49 -11.09 2.95
CA THR B 70 -36.78 -9.80 2.79
C THR B 70 -35.77 -9.85 1.65
N MET B 71 -35.07 -10.98 1.54
CA MET B 71 -33.99 -11.14 0.55
C MET B 71 -34.36 -11.77 -0.77
N GLN B 72 -35.62 -12.14 -0.94
CA GLN B 72 -36.08 -12.75 -2.20
C GLN B 72 -35.68 -11.84 -3.36
N GLY B 73 -34.95 -12.39 -4.34
CA GLY B 73 -34.51 -11.63 -5.52
C GLY B 73 -33.41 -10.60 -5.30
N PHE B 74 -32.87 -10.57 -4.09
CA PHE B 74 -31.82 -9.56 -3.82
C PHE B 74 -30.62 -9.82 -4.75
N PRO B 75 -30.06 -8.77 -5.35
CA PRO B 75 -28.97 -8.99 -6.30
C PRO B 75 -27.63 -9.17 -5.59
N PHE B 76 -27.30 -10.41 -5.29
CA PHE B 76 -26.09 -10.80 -4.56
C PHE B 76 -25.01 -11.06 -5.62
N TYR B 77 -23.87 -10.36 -5.53
CA TYR B 77 -22.87 -10.41 -6.60
C TYR B 77 -23.52 -10.36 -8.01
N ASP B 78 -24.48 -9.45 -8.13
CA ASP B 78 -25.14 -9.08 -9.39
C ASP B 78 -26.01 -10.19 -10.01
N LYS B 79 -26.44 -11.15 -9.21
CA LYS B 79 -27.47 -12.11 -9.61
C LYS B 79 -28.56 -12.15 -8.58
N PRO B 80 -29.81 -12.17 -9.03
CA PRO B 80 -30.87 -12.12 -8.01
C PRO B 80 -31.08 -13.46 -7.29
N MET B 81 -31.08 -13.45 -5.95
CA MET B 81 -31.19 -14.69 -5.18
C MET B 81 -32.57 -15.30 -5.31
N GLN B 82 -32.61 -16.62 -5.56
CA GLN B 82 -33.86 -17.34 -5.51
C GLN B 82 -33.87 -18.13 -4.20
N ILE B 83 -34.84 -17.84 -3.36
CA ILE B 83 -34.88 -18.40 -2.00
C ILE B 83 -36.19 -19.16 -1.72
N ALA B 84 -36.07 -20.30 -1.05
CA ALA B 84 -37.21 -21.18 -0.75
C ALA B 84 -36.89 -21.85 0.61
N TYR B 85 -37.92 -22.41 1.28
CA TYR B 85 -37.60 -23.33 2.39
C TYR B 85 -36.96 -24.60 1.89
N SER B 86 -36.02 -25.17 2.65
CA SER B 86 -35.48 -26.44 2.22
C SER B 86 -36.52 -27.53 2.29
N LYS B 87 -36.29 -28.57 1.49
CA LYS B 87 -37.25 -29.67 1.39
C LYS B 87 -37.08 -30.73 2.48
N SER B 88 -36.04 -30.60 3.31
CA SER B 88 -35.84 -31.52 4.40
C SER B 88 -35.20 -30.74 5.56
N ASP B 89 -35.26 -31.29 6.77
CA ASP B 89 -34.57 -30.70 7.91
C ASP B 89 -33.07 -30.92 7.83
N SER B 90 -32.30 -29.90 8.19
CA SER B 90 -30.84 -30.01 8.12
C SER B 90 -30.32 -30.91 9.24
N ASP B 91 -29.28 -31.67 8.93
CA ASP B 91 -28.69 -32.62 9.90
C ASP B 91 -28.37 -31.96 11.23
N ILE B 92 -27.75 -30.80 11.17
CA ILE B 92 -27.27 -30.11 12.35
C ILE B 92 -28.40 -29.68 13.33
N VAL B 93 -29.65 -29.63 12.87
CA VAL B 93 -30.74 -29.33 13.81
C VAL B 93 -31.42 -30.60 14.36
N ALA B 94 -30.96 -31.79 13.95
CA ALA B 94 -31.51 -33.04 14.50
C ALA B 94 -31.50 -33.04 16.02
N LYS B 95 -32.59 -33.57 16.60
CA LYS B 95 -32.76 -33.71 18.04
C LYS B 95 -31.78 -34.73 18.63
N MET D 1 29.42 28.03 1.45
CA MET D 1 29.83 29.42 1.39
C MET D 1 28.83 30.24 0.58
N VAL D 2 28.13 29.56 -0.31
CA VAL D 2 27.13 30.21 -1.13
C VAL D 2 25.73 29.72 -0.77
N LYS D 3 24.82 30.63 -0.45
CA LYS D 3 23.48 30.23 0.00
C LYS D 3 22.59 29.76 -1.16
N LEU D 4 21.80 28.69 -0.93
CA LEU D 4 20.84 28.22 -1.94
C LEU D 4 19.59 29.13 -1.92
N THR D 5 19.49 30.03 -2.91
CA THR D 5 18.48 31.10 -3.00
C THR D 5 17.59 30.94 -4.22
N PRO D 6 16.45 31.65 -4.25
CA PRO D 6 15.69 31.72 -5.52
C PRO D 6 16.57 32.29 -6.65
N GLU D 7 17.40 33.28 -6.33
CA GLU D 7 18.27 33.84 -7.40
C GLU D 7 19.20 32.75 -8.02
N LEU D 8 19.78 31.88 -7.19
CA LEU D 8 20.69 30.83 -7.66
C LEU D 8 19.92 29.82 -8.51
N ILE D 9 18.77 29.42 -8.00
CA ILE D 9 17.86 28.53 -8.73
C ILE D 9 17.47 29.12 -10.07
N ASN D 10 17.09 30.40 -10.06
CA ASN D 10 16.60 31.07 -11.27
C ASN D 10 17.67 31.16 -12.37
N GLN D 11 18.93 31.13 -11.94
CA GLN D 11 20.09 31.33 -12.80
C GLN D 11 20.72 29.97 -13.22
N SER D 12 20.30 28.90 -12.55
CA SER D 12 20.87 27.57 -12.80
C SER D 12 20.48 26.87 -14.12
N MET D 13 21.36 26.00 -14.58
CA MET D 13 21.10 25.30 -15.82
CA MET D 13 21.15 25.24 -15.79
C MET D 13 19.96 24.32 -15.58
N GLN D 14 19.08 24.23 -16.56
CA GLN D 14 18.00 23.24 -16.52
C GLN D 14 17.83 22.62 -17.92
N TYR D 15 17.45 21.33 -17.99
CA TYR D 15 17.41 20.66 -19.29
C TYR D 15 16.64 19.37 -19.20
N ILE D 16 16.30 18.82 -20.36
CA ILE D 16 15.86 17.43 -20.42
C ILE D 16 17.11 16.55 -20.37
N ASN D 17 17.17 15.62 -19.44
CA ASN D 17 18.42 14.90 -19.16
C ASN D 17 18.51 13.60 -19.97
N PRO D 18 19.59 12.78 -19.78
CA PRO D 18 19.66 11.69 -20.76
C PRO D 18 18.61 10.63 -20.55
N VAL D 19 17.84 10.68 -19.47
CA VAL D 19 16.75 9.70 -19.37
C VAL D 19 15.42 10.41 -19.56
N ARG D 20 15.47 11.47 -20.36
CA ARG D 20 14.29 12.14 -20.90
C ARG D 20 13.47 12.82 -19.78
N GLU D 21 14.13 13.22 -18.70
CA GLU D 21 13.38 13.84 -17.60
C GLU D 21 13.84 15.25 -17.36
N ARG D 22 13.00 15.99 -16.65
CA ARG D 22 13.26 17.41 -16.41
C ARG D 22 14.16 17.58 -15.21
N GLU D 23 15.35 18.12 -15.44
CA GLU D 23 16.37 18.21 -14.40
C GLU D 23 16.93 19.62 -14.12
N LEU D 24 17.19 19.90 -12.86
CA LEU D 24 17.75 21.19 -12.44
C LEU D 24 19.18 20.95 -11.93
N ASP D 25 20.15 21.70 -12.45
CA ASP D 25 21.56 21.50 -12.15
C ASP D 25 22.00 22.43 -11.02
N LEU D 26 22.13 21.89 -9.81
CA LEU D 26 22.64 22.67 -8.70
C LEU D 26 24.01 22.11 -8.24
N ARG D 27 24.77 21.55 -9.18
CA ARG D 27 26.08 20.96 -8.84
C ARG D 27 27.14 22.02 -8.58
N GLY D 28 27.98 21.77 -7.58
CA GLY D 28 29.26 22.44 -7.43
C GLY D 28 29.19 23.92 -7.04
N TYR D 29 28.14 24.31 -6.31
CA TYR D 29 27.97 25.70 -5.83
C TYR D 29 28.48 25.93 -4.38
N LYS D 30 29.02 24.89 -3.72
CA LYS D 30 29.42 24.99 -2.28
C LYS D 30 28.21 25.37 -1.38
N ILE D 31 27.05 24.84 -1.73
CA ILE D 31 25.87 25.01 -0.90
C ILE D 31 26.02 24.24 0.41
N PRO D 32 25.85 24.92 1.56
CA PRO D 32 26.04 24.19 2.83
C PRO D 32 24.70 23.66 3.39
N GLN D 33 23.57 24.07 2.83
CA GLN D 33 22.27 23.77 3.40
C GLN D 33 21.18 23.83 2.37
N ILE D 34 20.30 22.84 2.37
CA ILE D 34 19.13 22.87 1.50
C ILE D 34 18.08 23.91 1.97
N GLU D 35 17.63 24.80 1.08
CA GLU D 35 16.56 25.76 1.38
C GLU D 35 16.10 26.36 0.11
N ASN D 36 14.96 27.05 0.18
CA ASN D 36 14.40 27.75 -0.96
C ASN D 36 14.04 26.92 -2.17
N LEU D 37 13.96 25.59 -2.02
CA LEU D 37 13.58 24.78 -3.19
C LEU D 37 12.13 25.01 -3.68
N GLY D 38 11.30 25.74 -2.94
CA GLY D 38 9.97 26.12 -3.41
C GLY D 38 10.06 26.96 -4.68
N ALA D 39 11.16 27.69 -4.84
CA ALA D 39 11.41 28.50 -6.02
C ALA D 39 11.47 27.64 -7.31
N THR D 40 11.69 26.33 -7.19
CA THR D 40 11.66 25.47 -8.38
C THR D 40 10.26 25.31 -8.95
N LEU D 41 9.25 25.73 -8.19
CA LEU D 41 7.83 25.60 -8.54
C LEU D 41 7.49 24.17 -8.98
N ASP D 42 8.17 23.19 -8.39
CA ASP D 42 7.89 21.76 -8.65
C ASP D 42 7.99 21.43 -10.15
N GLN D 43 8.87 22.12 -10.86
CA GLN D 43 9.00 21.92 -12.29
CA GLN D 43 9.09 21.93 -12.29
C GLN D 43 9.82 20.64 -12.62
N PHE D 44 10.65 20.16 -11.69
CA PHE D 44 11.61 19.12 -12.04
C PHE D 44 11.33 17.70 -11.55
N ASP D 45 11.64 16.75 -12.42
CA ASP D 45 11.67 15.32 -12.07
C ASP D 45 12.88 14.98 -11.23
N THR D 46 13.98 15.66 -11.51
CA THR D 46 15.26 15.32 -10.92
C THR D 46 15.99 16.59 -10.49
N ILE D 47 16.57 16.59 -9.29
CA ILE D 47 17.41 17.70 -8.89
C ILE D 47 18.82 17.17 -8.60
N ASP D 48 19.82 17.81 -9.19
CA ASP D 48 21.19 17.37 -9.01
C ASP D 48 21.95 18.31 -8.10
N LEU D 49 22.14 17.87 -6.85
CA LEU D 49 22.87 18.62 -5.83
C LEU D 49 24.25 18.00 -5.58
N SER D 50 24.81 17.36 -6.58
CA SER D 50 26.12 16.74 -6.43
C SER D 50 27.17 17.83 -6.15
N ASP D 51 28.23 17.46 -5.43
CA ASP D 51 29.42 18.31 -5.26
C ASP D 51 29.08 19.61 -4.54
N ASN D 52 28.36 19.51 -3.43
CA ASN D 52 28.12 20.64 -2.56
C ASN D 52 28.63 20.32 -1.17
N ASP D 53 28.18 21.05 -0.15
CA ASP D 53 28.75 20.88 1.17
C ASP D 53 27.67 20.53 2.18
N LEU D 54 26.63 19.87 1.71
CA LEU D 54 25.53 19.48 2.58
C LEU D 54 26.00 18.59 3.73
N ARG D 55 25.59 18.91 4.96
CA ARG D 55 25.79 18.00 6.07
C ARG D 55 24.53 17.22 6.46
N LYS D 56 23.38 17.61 5.93
CA LYS D 56 22.12 16.94 6.23
C LYS D 56 21.23 16.89 5.02
N LEU D 57 20.40 15.87 4.97
CA LEU D 57 19.29 15.90 4.02
C LEU D 57 18.02 16.28 4.80
N ASP D 58 17.58 17.52 4.62
CA ASP D 58 16.44 18.04 5.38
C ASP D 58 15.77 19.15 4.56
N ASN D 59 14.66 19.67 5.08
CA ASN D 59 14.09 20.92 4.61
C ASN D 59 13.64 20.89 3.15
N LEU D 60 12.98 19.79 2.76
CA LEU D 60 12.35 19.71 1.44
C LEU D 60 10.93 20.27 1.50
N PRO D 61 10.57 21.14 0.55
CA PRO D 61 9.19 21.59 0.53
C PRO D 61 8.38 20.58 -0.26
N HIS D 62 7.09 20.87 -0.43
CA HIS D 62 6.24 19.94 -1.15
C HIS D 62 6.54 19.93 -2.67
N LEU D 63 7.08 18.82 -3.14
CA LEU D 63 7.52 18.66 -4.53
C LEU D 63 7.09 17.30 -5.08
N PRO D 64 5.79 17.15 -5.40
CA PRO D 64 5.29 15.84 -5.85
C PRO D 64 5.85 15.40 -7.20
N ARG D 65 6.51 16.27 -7.95
CA ARG D 65 7.07 15.82 -9.21
C ARG D 65 8.43 15.12 -9.02
N LEU D 66 9.06 15.38 -7.87
CA LEU D 66 10.45 14.95 -7.69
C LEU D 66 10.54 13.43 -7.59
N LYS D 67 11.31 12.81 -8.47
CA LYS D 67 11.43 11.35 -8.46
C LYS D 67 12.85 10.85 -8.27
N THR D 68 13.84 11.71 -8.58
CA THR D 68 15.25 11.32 -8.40
C THR D 68 15.98 12.46 -7.72
N LEU D 69 16.75 12.17 -6.66
CA LEU D 69 17.60 13.18 -6.04
C LEU D 69 19.06 12.79 -6.14
N LEU D 70 19.91 13.56 -6.80
CA LEU D 70 21.33 13.21 -6.85
C LEU D 70 22.07 14.06 -5.83
N LEU D 71 22.73 13.37 -4.89
CA LEU D 71 23.43 14.01 -3.79
C LEU D 71 24.89 13.57 -3.71
N ASN D 72 25.50 13.16 -4.83
CA ASN D 72 26.90 12.66 -4.80
C ASN D 72 27.85 13.66 -4.11
N ASN D 73 28.78 13.13 -3.32
CA ASN D 73 29.93 13.92 -2.91
C ASN D 73 29.51 15.19 -2.14
N ASN D 74 28.68 14.97 -1.13
CA ASN D 74 28.48 16.01 -0.14
C ASN D 74 29.12 15.48 1.16
N ARG D 75 28.65 15.96 2.31
CA ARG D 75 29.13 15.49 3.61
C ARG D 75 27.96 15.07 4.54
N ILE D 76 26.91 14.52 3.94
CA ILE D 76 25.69 14.27 4.62
C ILE D 76 25.88 13.20 5.69
N LEU D 77 25.51 13.52 6.92
CA LEU D 77 25.61 12.55 8.02
C LEU D 77 24.27 12.30 8.75
N ARG D 78 23.21 13.00 8.35
N ARG D 78 23.20 12.99 8.35
CA ARG D 78 21.91 12.78 8.96
CA ARG D 78 21.91 12.83 9.01
C ARG D 78 20.83 13.05 7.93
C ARG D 78 20.80 13.10 7.99
N ILE D 79 19.70 12.35 8.08
CA ILE D 79 18.51 12.55 7.25
C ILE D 79 17.31 12.87 8.14
N SER D 80 16.60 13.96 7.90
CA SER D 80 15.49 14.26 8.79
C SER D 80 14.31 13.31 8.52
N GLU D 81 13.45 13.14 9.52
CA GLU D 81 12.26 12.28 9.43
C GLU D 81 11.15 12.88 8.57
N GLY D 82 10.32 12.02 8.00
CA GLY D 82 9.03 12.41 7.42
C GLY D 82 9.19 13.17 6.12
N LEU D 83 10.31 12.96 5.44
CA LEU D 83 10.48 13.65 4.14
C LEU D 83 9.57 13.06 3.07
N GLU D 84 9.04 11.85 3.27
CA GLU D 84 8.05 11.30 2.32
C GLU D 84 6.78 12.15 2.25
N GLU D 85 6.54 12.98 3.27
CA GLU D 85 5.40 13.89 3.24
C GLU D 85 5.65 15.00 2.21
N ALA D 86 6.90 15.40 2.07
CA ALA D 86 7.30 16.43 1.12
C ALA D 86 7.52 15.91 -0.30
N VAL D 87 8.21 14.76 -0.44
CA VAL D 87 8.55 14.25 -1.76
C VAL D 87 8.11 12.77 -1.83
N PRO D 88 6.79 12.55 -1.79
CA PRO D 88 6.17 11.21 -1.71
C PRO D 88 6.58 10.30 -2.86
N ASN D 89 6.87 10.90 -4.02
CA ASN D 89 7.15 10.08 -5.18
C ASN D 89 8.62 9.83 -5.43
N LEU D 90 9.46 10.08 -4.43
CA LEU D 90 10.89 9.82 -4.61
C LEU D 90 11.13 8.36 -4.99
N GLY D 91 11.81 8.13 -6.11
CA GLY D 91 12.02 6.75 -6.53
C GLY D 91 13.48 6.33 -6.46
N SER D 92 14.38 7.31 -6.49
CA SER D 92 15.80 7.04 -6.46
CA SER D 92 15.83 7.09 -6.52
C SER D 92 16.54 8.10 -5.65
N ILE D 93 17.37 7.66 -4.71
CA ILE D 93 18.17 8.62 -4.00
CA ILE D 93 18.18 8.57 -3.92
C ILE D 93 19.63 8.14 -4.07
N ILE D 94 20.47 9.03 -4.59
CA ILE D 94 21.84 8.67 -4.85
C ILE D 94 22.75 9.39 -3.88
N LEU D 95 23.18 8.68 -2.83
CA LEU D 95 23.95 9.28 -1.73
C LEU D 95 25.43 8.86 -1.78
N THR D 96 25.90 8.48 -2.97
CA THR D 96 27.30 8.10 -3.17
C THR D 96 28.26 9.16 -2.63
N GLY D 97 29.25 8.76 -1.83
CA GLY D 97 30.27 9.71 -1.38
C GLY D 97 29.73 10.65 -0.30
N ASN D 98 29.11 10.10 0.72
CA ASN D 98 28.68 10.94 1.85
C ASN D 98 29.16 10.32 3.15
N ASN D 99 28.66 10.81 4.29
N ASN D 99 28.67 10.83 4.29
CA ASN D 99 29.21 10.44 5.60
CA ASN D 99 29.23 10.42 5.58
C ASN D 99 28.16 9.78 6.51
C ASN D 99 28.19 9.78 6.49
N LEU D 100 27.22 9.06 5.92
CA LEU D 100 26.25 8.34 6.72
C LEU D 100 26.95 7.12 7.40
N GLN D 101 26.86 7.04 8.72
CA GLN D 101 27.69 6.13 9.50
C GLN D 101 27.00 4.82 9.92
N GLU D 102 25.78 4.92 10.47
CA GLU D 102 25.19 3.75 11.13
C GLU D 102 23.93 3.29 10.42
N LEU D 103 23.60 2.02 10.56
CA LEU D 103 22.39 1.51 9.90
C LEU D 103 21.12 2.28 10.33
N SER D 104 21.06 2.64 11.60
CA SER D 104 19.89 3.32 12.14
C SER D 104 19.78 4.73 11.57
N ASP D 105 20.88 5.27 11.03
CA ASP D 105 20.85 6.60 10.39
C ASP D 105 20.02 6.59 9.12
N LEU D 106 19.68 5.40 8.64
CA LEU D 106 18.90 5.29 7.42
C LEU D 106 17.41 5.07 7.70
N GLU D 107 17.05 4.79 8.95
CA GLU D 107 15.65 4.63 9.28
C GLU D 107 14.72 5.79 8.79
N PRO D 108 15.20 7.05 8.79
CA PRO D 108 14.31 8.10 8.25
C PRO D 108 13.81 7.86 6.80
N LEU D 109 14.43 6.95 6.06
CA LEU D 109 14.03 6.75 4.67
C LEU D 109 12.93 5.69 4.47
N VAL D 110 12.57 5.03 5.56
CA VAL D 110 11.67 3.87 5.49
C VAL D 110 10.27 4.26 5.08
N GLY D 111 9.83 5.48 5.41
CA GLY D 111 8.49 5.91 5.06
C GLY D 111 8.21 6.11 3.57
N PHE D 112 9.25 6.15 2.75
CA PHE D 112 9.05 6.36 1.30
C PHE D 112 8.37 5.13 0.67
N THR D 113 7.26 5.32 -0.01
CA THR D 113 6.53 4.14 -0.50
C THR D 113 6.95 3.67 -1.91
N LYS D 114 7.77 4.46 -2.61
CA LYS D 114 8.11 4.19 -4.00
C LYS D 114 9.63 4.19 -4.21
N LEU D 115 10.38 4.19 -3.12
CA LEU D 115 11.84 4.32 -3.21
C LEU D 115 12.43 2.99 -3.61
N GLU D 116 12.84 2.86 -4.88
CA GLU D 116 13.24 1.54 -5.39
C GLU D 116 14.74 1.42 -5.59
N THR D 117 15.41 2.56 -5.63
CA THR D 117 16.86 2.60 -5.87
C THR D 117 17.58 3.45 -4.85
N ILE D 118 18.58 2.86 -4.19
CA ILE D 118 19.45 3.62 -3.25
C ILE D 118 20.93 3.39 -3.54
N SER D 119 21.75 4.43 -3.49
CA SER D 119 23.16 4.22 -3.47
C SER D 119 23.75 4.83 -2.21
N LEU D 120 24.43 3.98 -1.45
CA LEU D 120 25.19 4.45 -0.30
C LEU D 120 26.65 4.09 -0.50
N LEU D 121 27.06 3.93 -1.76
CA LEU D 121 28.46 3.68 -2.05
C LEU D 121 29.33 4.76 -1.42
N ILE D 122 30.53 4.39 -0.96
CA ILE D 122 31.45 5.36 -0.39
CA ILE D 122 31.44 5.37 -0.38
C ILE D 122 30.72 6.18 0.71
N ASN D 123 30.00 5.48 1.58
CA ASN D 123 29.53 5.96 2.90
C ASN D 123 30.05 4.92 3.91
N PRO D 124 30.47 5.36 5.12
CA PRO D 124 30.84 4.34 6.13
C PRO D 124 29.72 3.30 6.33
N VAL D 125 28.43 3.71 6.26
CA VAL D 125 27.40 2.76 6.64
C VAL D 125 27.44 1.49 5.77
N SER D 126 27.99 1.62 4.57
CA SER D 126 27.87 0.53 3.60
C SER D 126 28.85 -0.59 3.93
N THR D 127 29.75 -0.39 4.91
CA THR D 127 30.59 -1.51 5.41
C THR D 127 30.29 -1.94 6.83
N LYS D 128 29.17 -1.50 7.39
CA LYS D 128 28.73 -1.99 8.70
C LYS D 128 28.28 -3.47 8.61
N PRO D 129 28.41 -4.22 9.71
CA PRO D 129 27.96 -5.63 9.70
C PRO D 129 26.46 -5.73 9.28
N ASN D 130 26.09 -6.77 8.53
CA ASN D 130 24.71 -7.00 8.13
C ASN D 130 24.08 -5.87 7.32
N TYR D 131 24.87 -5.07 6.60
CA TYR D 131 24.31 -3.92 5.89
C TYR D 131 23.27 -4.34 4.83
N ARG D 132 23.67 -5.19 3.89
CA ARG D 132 22.72 -5.59 2.81
C ARG D 132 21.49 -6.30 3.38
N GLU D 133 21.72 -7.18 4.36
CA GLU D 133 20.64 -7.86 5.05
CA GLU D 133 20.63 -7.87 5.06
C GLU D 133 19.63 -6.90 5.68
N TYR D 134 20.17 -5.94 6.41
CA TYR D 134 19.34 -4.96 7.09
C TYR D 134 18.53 -4.15 6.10
N MET D 135 19.15 -3.77 4.99
CA MET D 135 18.43 -2.98 4.01
C MET D 135 17.26 -3.77 3.42
N ALA D 136 17.48 -5.02 3.05
CA ALA D 136 16.37 -5.80 2.46
C ALA D 136 15.21 -5.99 3.46
N TYR D 137 15.58 -6.15 4.71
CA TYR D 137 14.62 -6.33 5.79
C TYR D 137 13.79 -5.05 6.08
N LYS D 138 14.50 -3.93 6.24
CA LYS D 138 13.91 -2.65 6.62
C LYS D 138 13.22 -1.94 5.45
N PHE D 139 13.65 -2.22 4.21
CA PHE D 139 13.03 -1.61 3.04
C PHE D 139 12.44 -2.62 2.08
N PRO D 140 11.21 -3.09 2.33
CA PRO D 140 10.77 -4.24 1.55
C PRO D 140 10.42 -3.88 0.10
N GLN D 141 10.36 -2.60 -0.26
CA GLN D 141 10.14 -2.24 -1.65
C GLN D 141 11.44 -1.89 -2.36
N LEU D 142 12.55 -1.91 -1.66
CA LEU D 142 13.82 -1.58 -2.32
C LEU D 142 14.24 -2.65 -3.33
N ARG D 143 14.54 -2.22 -4.58
CA ARG D 143 14.90 -3.19 -5.64
C ARG D 143 16.40 -3.21 -5.97
N LEU D 144 17.05 -2.03 -5.91
CA LEU D 144 18.43 -1.91 -6.34
C LEU D 144 19.23 -1.16 -5.28
N LEU D 145 20.26 -1.79 -4.72
CA LEU D 145 21.08 -1.18 -3.66
C LEU D 145 22.53 -1.18 -4.06
N ASP D 146 23.11 0.00 -4.24
CA ASP D 146 24.47 0.14 -4.67
C ASP D 146 24.68 -0.62 -5.99
N PHE D 147 23.64 -0.63 -6.81
CA PHE D 147 23.67 -1.11 -8.20
C PHE D 147 23.83 -2.61 -8.28
N ARG D 148 23.34 -3.27 -7.24
CA ARG D 148 23.26 -4.74 -7.19
C ARG D 148 21.81 -5.03 -6.74
N LYS D 149 21.06 -5.85 -7.46
CA LYS D 149 19.65 -6.07 -7.07
C LYS D 149 19.54 -6.74 -5.73
N ILE D 150 18.46 -6.42 -5.00
CA ILE D 150 18.09 -7.21 -3.86
C ILE D 150 17.18 -8.35 -4.34
N LYS D 151 17.71 -9.57 -4.34
CA LYS D 151 17.00 -10.71 -4.88
C LYS D 151 15.93 -11.15 -3.90
N GLN D 152 14.89 -11.78 -4.43
CA GLN D 152 13.81 -12.28 -3.60
C GLN D 152 14.36 -13.26 -2.55
N LYS D 153 15.34 -14.06 -2.95
CA LYS D 153 15.93 -14.99 -2.02
C LYS D 153 16.75 -14.26 -1.01
N ASP D 154 17.35 -13.14 -1.40
CA ASP D 154 18.10 -12.33 -0.45
C ASP D 154 17.19 -11.78 0.62
N ARG D 155 16.04 -11.22 0.21
CA ARG D 155 15.15 -10.62 1.16
C ARG D 155 14.56 -11.70 2.09
N GLN D 156 14.15 -12.82 1.51
CA GLN D 156 13.66 -13.92 2.31
C GLN D 156 14.69 -14.38 3.36
N ALA D 157 15.94 -14.53 2.95
CA ALA D 157 17.00 -14.96 3.86
C ALA D 157 17.23 -13.94 4.98
N ALA D 158 17.17 -12.65 4.64
CA ALA D 158 17.31 -11.63 5.64
C ALA D 158 16.14 -11.70 6.63
N GLN D 159 14.92 -11.87 6.14
CA GLN D 159 13.78 -11.90 7.03
C GLN D 159 13.85 -13.11 7.99
N GLU D 160 14.23 -14.28 7.45
CA GLU D 160 14.46 -15.48 8.26
C GLU D 160 15.53 -15.23 9.34
N PHE D 161 16.65 -14.61 8.96
CA PHE D 161 17.75 -14.34 9.89
C PHE D 161 17.28 -13.40 11.01
N PHE D 162 16.54 -12.34 10.68
CA PHE D 162 16.15 -11.39 11.72
C PHE D 162 15.02 -11.91 12.54
N ARG D 163 14.46 -13.03 12.13
CA ARG D 163 13.47 -13.72 12.96
C ARG D 163 14.15 -14.60 14.04
N THR D 164 15.46 -14.78 13.97
CA THR D 164 16.10 -15.65 14.97
C THR D 164 16.50 -14.87 16.21
N LYS D 165 16.88 -15.56 17.27
CA LYS D 165 17.38 -14.90 18.46
C LYS D 165 18.57 -14.03 18.08
N GLN D 166 19.48 -14.61 17.32
N GLN D 166 19.47 -14.64 17.33
CA GLN D 166 20.68 -13.92 16.85
CA GLN D 166 20.65 -14.00 16.79
C GLN D 166 20.29 -12.65 16.07
C GLN D 166 20.28 -12.68 16.09
N GLY D 167 19.33 -12.76 15.17
CA GLY D 167 18.88 -11.59 14.40
C GLY D 167 18.19 -10.54 15.25
N LYS D 168 17.34 -11.00 16.14
CA LYS D 168 16.66 -10.11 17.04
C LYS D 168 17.67 -9.29 17.86
N ASP D 169 18.78 -9.89 18.29
CA ASP D 169 19.76 -9.18 19.10
C ASP D 169 20.52 -8.14 18.25
N VAL D 170 20.72 -8.45 16.97
CA VAL D 170 21.39 -7.52 16.06
C VAL D 170 20.53 -6.26 15.94
N LEU D 171 19.23 -6.45 15.73
CA LEU D 171 18.29 -5.35 15.60
C LEU D 171 18.22 -4.50 16.88
N LYS D 172 18.24 -5.14 18.04
CA LYS D 172 18.17 -4.42 19.31
C LYS D 172 19.39 -3.51 19.48
N GLU D 173 20.58 -4.05 19.22
CA GLU D 173 21.79 -3.24 19.36
C GLU D 173 21.85 -2.09 18.38
N ILE D 174 21.30 -2.29 17.19
CA ILE D 174 21.22 -1.21 16.20
C ILE D 174 20.39 -0.05 16.78
N SER D 175 19.36 -0.39 17.53
CA SER D 175 18.39 0.57 18.10
C SER D 175 18.85 1.33 19.36
N ARG D 176 19.92 0.86 20.00
CA ARG D 176 20.29 1.33 21.33
C ARG D 176 20.98 2.70 21.32
N MET E 5 45.89 4.54 -25.83
CA MET E 5 44.57 4.98 -26.28
CA MET E 5 44.56 4.98 -26.28
C MET E 5 44.27 6.41 -25.85
N LEU E 6 44.18 7.32 -26.85
CA LEU E 6 43.78 8.71 -26.64
C LEU E 6 42.60 8.83 -25.68
N PRO E 7 42.71 9.69 -24.66
CA PRO E 7 41.54 10.03 -23.84
C PRO E 7 40.40 10.65 -24.67
N ASN E 8 39.20 10.61 -24.11
CA ASN E 8 37.99 11.03 -24.81
C ASN E 8 37.00 11.34 -23.72
N GLN E 9 36.16 12.35 -23.90
CA GLN E 9 35.16 12.63 -22.88
C GLN E 9 34.06 11.56 -22.87
N THR E 10 34.05 10.67 -23.87
CA THR E 10 33.08 9.55 -23.85
C THR E 10 33.75 8.26 -23.42
N ILE E 11 33.19 7.57 -22.41
CA ILE E 11 33.70 6.25 -22.05
C ILE E 11 32.83 5.17 -22.70
N TYR E 12 33.49 4.12 -23.19
CA TYR E 12 32.85 2.95 -23.79
C TYR E 12 32.81 1.83 -22.76
N ILE E 13 31.60 1.37 -22.44
CA ILE E 13 31.49 0.32 -21.42
C ILE E 13 30.94 -0.96 -22.05
N ASN E 14 31.60 -2.09 -21.79
CA ASN E 14 30.96 -3.33 -22.25
C ASN E 14 31.01 -4.39 -21.13
N ASN E 15 30.72 -5.63 -21.50
CA ASN E 15 30.43 -6.70 -20.54
C ASN E 15 29.32 -6.29 -19.56
N LEU E 16 28.33 -5.57 -20.06
CA LEU E 16 27.16 -5.23 -19.25
C LEU E 16 26.18 -6.40 -19.24
N ASN E 17 25.38 -6.45 -18.18
CA ASN E 17 24.31 -7.43 -18.04
C ASN E 17 23.21 -7.13 -19.08
N GLU E 18 23.11 -7.99 -20.09
CA GLU E 18 22.19 -7.82 -21.20
C GLU E 18 20.74 -8.17 -20.85
N LYS E 19 20.50 -8.69 -19.66
CA LYS E 19 19.12 -9.00 -19.28
C LYS E 19 18.38 -7.75 -18.80
N ILE E 20 19.13 -6.70 -18.46
CA ILE E 20 18.53 -5.47 -17.95
C ILE E 20 17.82 -4.75 -19.13
N LYS E 21 16.59 -4.28 -18.89
CA LYS E 21 15.89 -3.55 -19.94
C LYS E 21 16.62 -2.24 -20.23
N LYS E 22 16.47 -1.77 -21.46
CA LYS E 22 17.25 -0.68 -21.97
C LYS E 22 17.09 0.61 -21.14
N GLU E 23 15.85 0.99 -20.87
CA GLU E 23 15.56 2.20 -20.10
C GLU E 23 16.14 2.13 -18.68
N GLU E 24 16.04 0.98 -18.04
CA GLU E 24 16.59 0.84 -16.68
CA GLU E 24 16.60 0.79 -16.70
C GLU E 24 18.12 0.86 -16.75
N LEU E 25 18.70 0.20 -17.74
CA LEU E 25 20.15 0.23 -17.95
C LEU E 25 20.64 1.70 -18.02
N LYS E 26 20.01 2.46 -18.90
CA LYS E 26 20.37 3.86 -19.03
C LYS E 26 20.18 4.63 -17.72
N LYS E 27 19.07 4.37 -17.03
CA LYS E 27 18.80 5.06 -15.76
C LYS E 27 19.88 4.79 -14.73
N SER E 28 20.26 3.51 -14.58
CA SER E 28 21.25 3.17 -13.56
C SER E 28 22.64 3.62 -13.94
N LEU E 29 22.96 3.58 -15.23
CA LEU E 29 24.26 4.07 -15.71
C LEU E 29 24.37 5.55 -15.40
N TYR E 30 23.27 6.27 -15.62
CA TYR E 30 23.19 7.69 -15.26
C TYR E 30 23.47 7.89 -13.77
N ALA E 31 22.75 7.16 -12.91
CA ALA E 31 22.93 7.34 -11.48
C ALA E 31 24.36 7.02 -11.02
N ILE E 32 24.92 5.89 -11.46
CA ILE E 32 26.21 5.48 -10.92
C ILE E 32 27.35 6.34 -11.48
N PHE E 33 27.25 6.81 -12.74
CA PHE E 33 28.32 7.68 -13.28
C PHE E 33 28.13 9.19 -13.03
N SER E 34 26.98 9.58 -12.47
CA SER E 34 26.73 10.99 -12.19
C SER E 34 27.69 11.53 -11.15
N GLN E 35 28.32 10.63 -10.36
CA GLN E 35 29.28 11.10 -9.35
C GLN E 35 30.51 11.74 -9.98
N PHE E 36 30.79 11.45 -11.25
CA PHE E 36 32.08 11.92 -11.82
C PHE E 36 31.96 13.27 -12.50
N GLY E 37 30.73 13.64 -12.84
CA GLY E 37 30.49 14.91 -13.51
C GLY E 37 29.18 14.81 -14.27
N GLN E 38 28.76 15.94 -14.83
CA GLN E 38 27.59 16.07 -15.66
C GLN E 38 27.69 15.20 -16.89
N ILE E 39 26.66 14.40 -17.12
CA ILE E 39 26.61 13.50 -18.26
C ILE E 39 25.72 14.11 -19.35
N LEU E 40 26.25 14.31 -20.56
CA LEU E 40 25.49 14.93 -21.65
C LEU E 40 24.46 13.98 -22.25
N ASP E 41 24.82 12.71 -22.36
CA ASP E 41 23.95 11.71 -22.97
C ASP E 41 24.52 10.32 -22.74
N ILE E 42 23.66 9.31 -22.92
CA ILE E 42 24.10 7.94 -22.86
C ILE E 42 23.61 7.23 -24.11
N VAL E 43 24.49 6.55 -24.83
CA VAL E 43 24.03 5.83 -26.03
C VAL E 43 24.08 4.32 -25.79
N ALA E 44 22.92 3.69 -25.81
CA ALA E 44 22.83 2.26 -25.53
C ALA E 44 21.71 1.59 -26.37
N LEU E 45 22.09 0.59 -27.14
CA LEU E 45 21.14 -0.14 -27.96
C LEU E 45 21.17 -1.61 -27.57
N LYS E 46 20.11 -2.36 -27.85
CA LYS E 46 20.09 -3.80 -27.57
C LYS E 46 20.00 -4.67 -28.81
N THR E 47 20.44 -4.15 -29.94
CA THR E 47 20.64 -4.99 -31.12
C THR E 47 21.74 -6.01 -30.83
N LEU E 48 21.76 -7.10 -31.60
CA LEU E 48 22.80 -8.12 -31.46
C LEU E 48 24.22 -7.50 -31.49
N LYS E 49 24.40 -6.51 -32.37
CA LYS E 49 25.70 -5.85 -32.52
C LYS E 49 26.07 -5.05 -31.28
N MET E 50 25.08 -4.37 -30.70
CA MET E 50 25.41 -3.34 -29.70
C MET E 50 24.94 -3.59 -28.27
N ARG E 51 24.28 -4.72 -28.04
CA ARG E 51 23.84 -5.05 -26.69
C ARG E 51 25.04 -5.30 -25.80
N GLY E 52 24.83 -5.18 -24.48
CA GLY E 52 25.87 -5.34 -23.47
C GLY E 52 26.87 -4.20 -23.48
N GLN E 53 26.53 -3.14 -24.19
CA GLN E 53 27.46 -2.03 -24.32
C GLN E 53 26.75 -0.70 -24.14
N ALA E 54 27.53 0.30 -23.74
CA ALA E 54 27.02 1.67 -23.55
C ALA E 54 28.11 2.73 -23.67
N PHE E 55 27.73 3.86 -24.27
CA PHE E 55 28.66 4.99 -24.35
C PHE E 55 28.16 6.07 -23.38
N VAL E 56 28.97 6.41 -22.39
CA VAL E 56 28.56 7.45 -21.46
C VAL E 56 29.34 8.72 -21.74
N ILE E 57 28.60 9.76 -22.09
CA ILE E 57 29.21 10.97 -22.63
C ILE E 57 29.26 12.06 -21.60
N PHE E 58 30.47 12.36 -21.10
CA PHE E 58 30.69 13.41 -20.13
C PHE E 58 30.93 14.78 -20.75
N LYS E 59 30.64 15.81 -19.99
CA LYS E 59 30.90 17.18 -20.44
C LYS E 59 32.40 17.46 -20.43
N GLU E 60 33.11 16.87 -19.46
CA GLU E 60 34.55 17.10 -19.31
C GLU E 60 35.34 15.81 -19.49
N ILE E 61 36.41 15.87 -20.28
CA ILE E 61 37.37 14.76 -20.43
C ILE E 61 37.84 14.26 -19.05
N GLY E 62 38.10 15.21 -18.15
CA GLY E 62 38.52 14.86 -16.80
C GLY E 62 37.57 13.93 -16.08
N SER E 63 36.28 14.16 -16.28
CA SER E 63 35.25 13.30 -15.70
C SER E 63 35.38 11.89 -16.25
N ALA E 64 35.59 11.79 -17.56
CA ALA E 64 35.68 10.47 -18.17
C ALA E 64 36.88 9.72 -17.62
N SER E 65 38.02 10.43 -17.47
CA SER E 65 39.24 9.76 -17.02
C SER E 65 39.05 9.21 -15.60
N ASN E 66 38.43 10.01 -14.73
CA ASN E 66 38.16 9.57 -13.36
CA ASN E 66 38.14 9.59 -13.36
C ASN E 66 37.12 8.44 -13.33
N ALA E 67 36.11 8.53 -14.18
CA ALA E 67 35.12 7.43 -14.19
C ALA E 67 35.76 6.13 -14.65
N LEU E 68 36.64 6.21 -15.63
CA LEU E 68 37.33 5.03 -16.14
C LEU E 68 38.25 4.39 -15.07
N ARG E 69 38.96 5.24 -14.34
CA ARG E 69 39.97 4.77 -13.38
C ARG E 69 39.28 4.07 -12.22
N THR E 70 38.25 4.72 -11.73
CA THR E 70 37.54 4.36 -10.50
C THR E 70 36.57 3.17 -10.66
N MET E 71 35.87 3.12 -11.79
CA MET E 71 34.81 2.14 -11.97
C MET E 71 35.24 0.89 -12.75
N GLN E 72 36.49 0.84 -13.21
CA GLN E 72 36.97 -0.35 -13.89
C GLN E 72 36.69 -1.60 -13.07
N GLY E 73 36.00 -2.57 -13.66
CA GLY E 73 35.76 -3.84 -12.97
C GLY E 73 34.63 -3.80 -11.98
N PHE E 74 34.00 -2.64 -11.83
CA PHE E 74 32.95 -2.52 -10.80
C PHE E 74 31.75 -3.43 -11.06
N PRO E 75 31.30 -4.20 -10.06
CA PRO E 75 30.18 -5.10 -10.32
C PRO E 75 28.84 -4.38 -10.43
N PHE E 76 28.32 -4.31 -11.64
CA PHE E 76 27.13 -3.54 -12.01
C PHE E 76 26.07 -4.56 -12.39
N TYR E 77 24.98 -4.66 -11.64
CA TYR E 77 24.03 -5.77 -11.79
C TYR E 77 24.76 -7.13 -11.84
N ASP E 78 25.72 -7.30 -10.94
CA ASP E 78 26.47 -8.55 -10.74
C ASP E 78 27.43 -8.96 -11.88
N LYS E 79 27.76 -8.04 -12.79
CA LYS E 79 28.77 -8.26 -13.82
C LYS E 79 29.81 -7.15 -13.74
N PRO E 80 31.10 -7.49 -13.84
CA PRO E 80 32.10 -6.43 -13.69
C PRO E 80 32.25 -5.59 -14.98
N MET E 81 32.04 -4.29 -14.83
CA MET E 81 32.12 -3.42 -15.99
C MET E 81 33.50 -3.39 -16.62
N GLN E 82 33.55 -3.43 -17.95
CA GLN E 82 34.80 -3.17 -18.64
CA GLN E 82 34.78 -3.20 -18.69
C GLN E 82 34.70 -1.82 -19.31
N ILE E 83 35.67 -0.96 -18.99
CA ILE E 83 35.62 0.42 -19.44
C ILE E 83 36.85 0.78 -20.26
N ALA E 84 36.63 1.50 -21.36
CA ALA E 84 37.71 2.03 -22.20
C ALA E 84 37.30 3.44 -22.62
N TYR E 85 38.23 4.25 -23.12
CA TYR E 85 37.81 5.47 -23.80
C TYR E 85 37.13 5.12 -25.13
N SER E 86 36.20 5.98 -25.54
CA SER E 86 35.61 5.84 -26.86
C SER E 86 36.70 6.01 -27.90
N LYS E 87 36.61 5.26 -29.00
CA LYS E 87 37.62 5.38 -30.03
C LYS E 87 37.46 6.67 -30.84
N SER E 88 36.35 7.38 -30.65
CA SER E 88 36.10 8.60 -31.42
C SER E 88 35.11 9.51 -30.71
N ASP E 89 35.06 10.78 -31.11
CA ASP E 89 34.14 11.72 -30.49
C ASP E 89 32.72 11.33 -30.75
N SER E 90 31.87 11.38 -29.72
CA SER E 90 30.44 11.23 -29.90
C SER E 90 29.88 12.40 -30.72
N ASP E 91 28.84 12.12 -31.51
CA ASP E 91 28.16 13.11 -32.33
C ASP E 91 27.76 14.38 -31.56
N ILE E 92 27.19 14.20 -30.38
CA ILE E 92 26.62 15.32 -29.66
C ILE E 92 27.63 16.40 -29.23
N VAL E 93 28.90 16.02 -28.99
CA VAL E 93 29.88 17.01 -28.59
C VAL E 93 30.40 17.83 -29.77
N ALA E 94 30.61 17.18 -30.91
CA ALA E 94 31.17 17.84 -32.08
C ALA E 94 30.08 18.43 -32.96
CL CL G . -26.76 -29.43 8.59
S SO4 H . 18.68 -4.83 28.17
O1 SO4 H . 18.89 -4.42 29.54
O2 SO4 H . 18.30 -6.24 28.18
O3 SO4 H . 19.93 -4.60 27.43
O4 SO4 H . 17.58 -4.11 27.52
S SO4 I . 10.80 26.53 0.67
O1 SO4 I . 11.49 25.44 1.39
O2 SO4 I . 9.35 26.32 0.69
O3 SO4 I . 11.10 27.79 1.36
O4 SO4 I . 11.27 26.65 -0.70
CL CL J . 26.47 11.66 -29.23
#